data_6Z9I
#
_entry.id   6Z9I
#
_cell.length_a   61.900
_cell.length_b   53.300
_cell.length_c   81.200
_cell.angle_alpha   90.000
_cell.angle_beta   110.200
_cell.angle_gamma   90.000
#
_symmetry.space_group_name_H-M   'P 1 21 1'
#
loop_
_entity.id
_entity.type
_entity.pdbx_description
1 polymer 'Deoxyribose-phosphate aldolase'
2 non-polymer 1,2-ETHANEDIOL
3 non-polymer 'MAGNESIUM ION'
4 non-polymer GLYCERALDEHYDE-3-PHOSPHATE
5 water water
#
_entity_poly.entity_id   1
_entity_poly.type   'polypeptide(L)'
_entity_poly.pdbx_seq_one_letter_code
;MTDLKASSLRALKLMDLTTLKDDDTDEKVIALCHQAKTPVGNTAAICIYPRFIPIARKTLKEQGTPEIRIATVTNFPHGN
DDIDIALAETRAAIAYGADEVDVVFPYRALMAGNEQVGFDLVKACKEACAAANVLLKVIIETGELKDEALIRKASEISIK
AGADFIKTSTGKVAVNATPESARIMMEVIRDMGVEKTVGFKPAGGVRTAEDAQKYLAIADELFGADWADARHYRFGASSL
LASLLKALGH
;
_entity_poly.pdbx_strand_id   A,B
#
loop_
_chem_comp.id
_chem_comp.type
_chem_comp.name
_chem_comp.formula
EDO non-polymer 1,2-ETHANEDIOL 'C2 H6 O2'
G3H non-polymer GLYCERALDEHYDE-3-PHOSPHATE 'C3 H7 O6 P'
MG non-polymer 'MAGNESIUM ION' 'Mg 2'
#
# COMPACT_ATOMS: atom_id res chain seq x y z
N ASP A 3 29.82 -10.77 -27.14
CA ASP A 3 30.47 -10.99 -25.86
C ASP A 3 29.48 -10.93 -24.69
N LEU A 4 29.61 -11.90 -23.77
CA LEU A 4 28.70 -11.99 -22.64
C LEU A 4 28.95 -10.85 -21.64
N LYS A 5 30.21 -10.49 -21.42
CA LYS A 5 30.52 -9.42 -20.46
C LYS A 5 29.89 -8.11 -20.88
N ALA A 6 30.01 -7.75 -22.16
CA ALA A 6 29.44 -6.48 -22.63
C ALA A 6 27.93 -6.49 -22.52
N SER A 7 27.30 -7.63 -22.87
CA SER A 7 25.85 -7.69 -22.74
C SER A 7 25.42 -7.72 -21.29
N SER A 8 26.24 -8.29 -20.40
CA SER A 8 25.85 -8.40 -18.99
C SER A 8 25.90 -7.04 -18.29
N LEU A 9 26.97 -6.27 -18.53
CA LEU A 9 27.03 -4.93 -17.96
C LEU A 9 25.88 -4.08 -18.50
N ARG A 10 25.64 -4.16 -19.81
CA ARG A 10 24.52 -3.45 -20.41
C ARG A 10 23.19 -3.86 -19.75
N ALA A 11 22.98 -5.16 -19.58
CA ALA A 11 21.75 -5.66 -18.95
C ALA A 11 21.63 -5.17 -17.52
N LEU A 12 22.74 -5.14 -16.78
CA LEU A 12 22.72 -4.67 -15.40
C LEU A 12 22.20 -3.23 -15.34
N LYS A 13 22.76 -2.36 -16.17
CA LYS A 13 22.34 -0.97 -16.16
C LYS A 13 20.90 -0.77 -16.62
N LEU A 14 20.26 -1.80 -17.16
CA LEU A 14 18.87 -1.71 -17.60
C LEU A 14 17.92 -2.42 -16.64
N MET A 15 18.41 -3.00 -15.55
CA MET A 15 17.53 -3.76 -14.67
C MET A 15 16.56 -2.86 -13.90
N ASP A 16 15.30 -3.30 -13.83
CA ASP A 16 14.36 -2.93 -12.77
C ASP A 16 14.55 -3.97 -11.68
N LEU A 17 15.44 -3.69 -10.73
CA LEU A 17 15.75 -4.69 -9.70
C LEU A 17 14.53 -4.87 -8.82
N THR A 18 14.02 -6.09 -8.74
CA THR A 18 12.66 -6.32 -8.26
C THR A 18 12.63 -7.15 -6.99
N THR A 19 11.78 -6.77 -6.05
CA THR A 19 11.26 -7.73 -5.07
C THR A 19 9.76 -7.48 -4.93
N LEU A 20 8.97 -8.53 -5.19
CA LEU A 20 7.51 -8.50 -5.10
C LEU A 20 7.09 -9.83 -4.46
N LYS A 21 7.26 -9.92 -3.13
CA LYS A 21 7.09 -11.18 -2.42
C LYS A 21 6.17 -10.98 -1.23
N ASP A 22 5.55 -12.08 -0.81
CA ASP A 22 4.63 -12.02 0.32
C ASP A 22 5.35 -11.66 1.61
N ASP A 23 6.65 -11.96 1.71
CA ASP A 23 7.43 -11.68 2.89
C ASP A 23 8.26 -10.39 2.78
N ASP A 24 7.97 -9.52 1.81
CA ASP A 24 8.70 -8.27 1.69
C ASP A 24 8.55 -7.46 2.98
N THR A 25 9.62 -6.75 3.36
CA THR A 25 9.63 -5.86 4.52
C THR A 25 10.45 -4.63 4.18
N ASP A 26 10.26 -3.57 4.97
CA ASP A 26 11.10 -2.38 4.86
C ASP A 26 12.59 -2.75 4.80
N GLU A 27 13.03 -3.64 5.69
CA GLU A 27 14.45 -4.00 5.73
C GLU A 27 14.87 -4.71 4.45
N LYS A 28 13.99 -5.57 3.90
CA LYS A 28 14.31 -6.24 2.65
C LYS A 28 14.38 -5.25 1.49
N VAL A 29 13.48 -4.27 1.48
CA VAL A 29 13.55 -3.25 0.43
C VAL A 29 14.77 -2.36 0.62
N ILE A 30 15.12 -2.03 1.86
CA ILE A 30 16.34 -1.27 2.06
C ILE A 30 17.53 -2.04 1.51
N ALA A 31 17.58 -3.35 1.77
CA ALA A 31 18.67 -4.16 1.24
C ALA A 31 18.66 -4.17 -0.28
N LEU A 32 17.47 -4.24 -0.89
CA LEU A 32 17.39 -4.18 -2.35
C LEU A 32 17.95 -2.86 -2.87
N CYS A 33 17.67 -1.75 -2.18
CA CYS A 33 18.22 -0.46 -2.58
C CYS A 33 19.74 -0.47 -2.54
N HIS A 34 20.33 -1.07 -1.50
CA HIS A 34 21.78 -1.18 -1.43
C HIS A 34 22.32 -2.05 -2.55
N GLN A 35 21.58 -3.10 -2.89
CA GLN A 35 22.01 -4.01 -3.95
C GLN A 35 21.95 -3.35 -5.32
N ALA A 36 21.02 -2.41 -5.50
CA ALA A 36 20.90 -1.70 -6.77
C ALA A 36 22.15 -0.88 -7.10
N LYS A 37 22.92 -0.51 -6.09
CA LYS A 37 24.16 0.24 -6.26
C LYS A 37 25.27 -0.80 -6.29
N THR A 38 25.53 -1.35 -7.48
CA THR A 38 26.47 -2.46 -7.62
C THR A 38 27.89 -1.96 -7.80
N PRO A 39 28.89 -2.82 -7.62
CA PRO A 39 30.28 -2.38 -7.82
C PRO A 39 30.64 -2.00 -9.24
N VAL A 40 29.82 -2.31 -10.25
CA VAL A 40 30.12 -1.92 -11.62
C VAL A 40 29.12 -0.89 -12.16
N GLY A 41 28.25 -0.37 -11.30
CA GLY A 41 27.30 0.64 -11.74
C GLY A 41 25.93 0.42 -11.13
N ASN A 42 25.03 1.35 -11.35
CA ASN A 42 23.69 1.29 -10.78
C ASN A 42 22.72 0.66 -11.76
N THR A 43 21.71 -0.02 -11.22
CA THR A 43 20.62 -0.47 -12.06
C THR A 43 19.79 0.73 -12.52
N ALA A 44 18.94 0.48 -13.50
CA ALA A 44 18.07 1.56 -13.97
C ALA A 44 17.07 1.95 -12.90
N ALA A 45 16.54 0.97 -12.19
CA ALA A 45 15.44 1.21 -11.28
C ALA A 45 15.38 0.06 -10.29
N ILE A 46 14.50 0.22 -9.30
CA ILE A 46 13.99 -0.88 -8.51
C ILE A 46 12.50 -1.01 -8.84
N CYS A 47 11.95 -2.17 -8.51
CA CYS A 47 10.51 -2.40 -8.65
C CYS A 47 10.03 -3.08 -7.39
N ILE A 48 9.10 -2.43 -6.69
CA ILE A 48 8.69 -2.85 -5.36
C ILE A 48 7.20 -2.57 -5.23
N TYR A 49 6.57 -3.18 -4.23
CA TYR A 49 5.17 -2.86 -3.97
C TYR A 49 5.06 -1.40 -3.51
N PRO A 50 3.92 -0.75 -3.77
CA PRO A 50 3.84 0.72 -3.54
C PRO A 50 4.10 1.14 -2.11
N ARG A 51 3.73 0.32 -1.14
CA ARG A 51 3.87 0.72 0.26
C ARG A 51 5.33 0.87 0.68
N PHE A 52 6.26 0.36 -0.11
CA PHE A 52 7.68 0.49 0.20
C PHE A 52 8.34 1.65 -0.52
N ILE A 53 7.59 2.42 -1.31
CA ILE A 53 8.20 3.51 -2.08
C ILE A 53 8.85 4.57 -1.20
N PRO A 54 8.18 5.10 -0.14
CA PRO A 54 8.81 6.21 0.59
C PRO A 54 10.12 5.84 1.27
N ILE A 55 10.20 4.67 1.92
CA ILE A 55 11.46 4.30 2.57
C ILE A 55 12.51 4.00 1.51
N ALA A 56 12.10 3.43 0.37
CA ALA A 56 13.04 3.18 -0.71
C ALA A 56 13.61 4.49 -1.25
N ARG A 57 12.76 5.48 -1.46
CA ARG A 57 13.22 6.78 -1.94
C ARG A 57 14.26 7.37 -1.00
N LYS A 58 13.95 7.37 0.31
CA LYS A 58 14.90 7.86 1.31
C LYS A 58 16.21 7.09 1.25
N THR A 59 16.14 5.76 1.14
CA THR A 59 17.34 4.94 1.13
C THR A 59 18.20 5.23 -0.10
N LEU A 60 17.56 5.30 -1.27
CA LEU A 60 18.30 5.61 -2.50
C LEU A 60 18.91 7.00 -2.44
N LYS A 61 18.18 7.98 -1.90
CA LYS A 61 18.74 9.32 -1.77
C LYS A 61 19.94 9.34 -0.84
N GLU A 62 19.85 8.66 0.30
CA GLU A 62 20.91 8.82 1.29
C GLU A 62 22.21 8.12 0.91
N GLN A 63 22.16 7.10 0.04
CA GLN A 63 23.36 6.48 -0.50
C GLN A 63 23.86 7.17 -1.76
N GLY A 64 23.27 8.30 -2.12
CA GLY A 64 23.76 9.07 -3.25
C GLY A 64 23.43 8.53 -4.62
N THR A 65 22.35 7.74 -4.74
CA THR A 65 21.88 7.25 -6.04
C THR A 65 20.42 7.63 -6.25
N PRO A 66 20.09 8.92 -6.20
CA PRO A 66 18.70 9.32 -6.46
C PRO A 66 18.28 9.06 -7.89
N GLU A 67 19.22 8.80 -8.80
CA GLU A 67 18.90 8.51 -10.20
C GLU A 67 18.44 7.09 -10.44
N ILE A 68 18.48 6.21 -9.43
CA ILE A 68 17.87 4.90 -9.53
C ILE A 68 16.36 5.10 -9.37
N ARG A 69 15.61 4.89 -10.45
N ARG A 69 15.60 4.92 -10.45
CA ARG A 69 14.18 5.19 -10.47
CA ARG A 69 14.18 5.22 -10.44
C ARG A 69 13.41 4.19 -9.60
C ARG A 69 13.41 4.20 -9.60
N ILE A 70 12.20 4.57 -9.21
CA ILE A 70 11.34 3.70 -8.41
C ILE A 70 10.12 3.36 -9.25
N ALA A 71 10.04 2.10 -9.63
CA ALA A 71 8.91 1.51 -10.33
C ALA A 71 8.09 0.69 -9.33
N THR A 72 6.80 0.56 -9.61
CA THR A 72 5.92 -0.23 -8.75
C THR A 72 4.88 -0.89 -9.65
N VAL A 73 3.95 -1.63 -9.04
CA VAL A 73 2.95 -2.38 -9.81
C VAL A 73 1.56 -2.05 -9.28
N THR A 74 0.58 -1.96 -10.19
CA THR A 74 -0.83 -1.79 -9.81
C THR A 74 -1.69 -2.75 -10.63
N ASN A 75 -2.95 -2.90 -10.18
CA ASN A 75 -3.86 -3.90 -10.75
C ASN A 75 -3.22 -5.28 -10.78
N PHE A 76 -2.41 -5.57 -9.76
CA PHE A 76 -1.40 -6.61 -9.76
C PHE A 76 -1.68 -7.65 -8.70
N PRO A 77 -1.52 -8.95 -9.02
CA PRO A 77 -1.07 -9.46 -10.31
C PRO A 77 -2.22 -9.85 -11.23
N HIS A 78 -3.44 -9.67 -10.72
CA HIS A 78 -4.62 -10.31 -11.30
C HIS A 78 -5.02 -9.73 -12.66
N GLY A 79 -4.76 -8.44 -12.90
CA GLY A 79 -5.25 -7.84 -14.13
C GLY A 79 -6.75 -7.85 -14.22
N ASN A 80 -7.42 -7.59 -13.11
CA ASN A 80 -8.88 -7.49 -13.12
C ASN A 80 -9.31 -6.34 -14.02
N ASP A 81 -10.58 -6.37 -14.41
CA ASP A 81 -11.07 -5.39 -15.37
C ASP A 81 -11.86 -4.25 -14.69
N ASP A 82 -11.65 -4.05 -13.39
CA ASP A 82 -12.26 -2.93 -12.68
C ASP A 82 -11.34 -1.72 -12.83
N ILE A 83 -11.76 -0.76 -13.66
CA ILE A 83 -10.94 0.42 -13.95
C ILE A 83 -10.86 1.34 -12.72
N ASP A 84 -11.95 1.50 -11.98
CA ASP A 84 -11.89 2.34 -10.79
C ASP A 84 -10.82 1.85 -9.82
N ILE A 85 -10.74 0.54 -9.61
CA ILE A 85 -9.75 -0.01 -8.70
C ILE A 85 -8.34 0.18 -9.25
N ALA A 86 -8.14 -0.14 -10.53
CA ALA A 86 -6.81 0.01 -11.13
C ALA A 86 -6.36 1.47 -11.10
N LEU A 87 -7.28 2.40 -11.37
CA LEU A 87 -6.94 3.82 -11.29
C LEU A 87 -6.64 4.24 -9.87
N ALA A 88 -7.44 3.75 -8.90
CA ALA A 88 -7.22 4.15 -7.51
C ALA A 88 -5.87 3.69 -7.01
N GLU A 89 -5.47 2.46 -7.36
CA GLU A 89 -4.14 1.99 -6.95
C GLU A 89 -3.05 2.79 -7.64
N THR A 90 -3.27 3.16 -8.90
CA THR A 90 -2.28 3.95 -9.63
C THR A 90 -2.15 5.35 -9.02
N ARG A 91 -3.26 5.98 -8.66
CA ARG A 91 -3.16 7.28 -7.99
C ARG A 91 -2.45 7.16 -6.64
N ALA A 92 -2.66 6.05 -5.94
CA ALA A 92 -1.95 5.81 -4.69
C ALA A 92 -0.45 5.65 -4.93
N ALA A 93 -0.08 4.85 -5.93
CA ALA A 93 1.33 4.70 -6.29
C ALA A 93 1.96 6.05 -6.58
N ILE A 94 1.25 6.91 -7.32
CA ILE A 94 1.78 8.24 -7.61
C ILE A 94 1.99 9.03 -6.31
N ALA A 95 0.97 9.03 -5.44
CA ALA A 95 1.05 9.80 -4.20
C ALA A 95 2.17 9.31 -3.29
N TYR A 96 2.40 7.99 -3.28
CA TYR A 96 3.53 7.40 -2.57
C TYR A 96 4.86 7.96 -3.06
N GLY A 97 4.94 8.31 -4.33
CA GLY A 97 6.17 8.81 -4.92
C GLY A 97 6.74 7.99 -6.06
N ALA A 98 5.97 7.08 -6.65
CA ALA A 98 6.49 6.27 -7.74
C ALA A 98 7.01 7.14 -8.87
N ASP A 99 8.14 6.71 -9.47
CA ASP A 99 8.59 7.27 -10.74
C ASP A 99 7.89 6.61 -11.91
N GLU A 100 7.52 5.34 -11.74
CA GLU A 100 6.98 4.51 -12.80
C GLU A 100 5.96 3.58 -12.18
N VAL A 101 4.90 3.31 -12.92
CA VAL A 101 3.84 2.39 -12.50
C VAL A 101 3.71 1.33 -13.57
N ASP A 102 3.81 0.07 -13.17
CA ASP A 102 3.67 -1.08 -14.07
C ASP A 102 2.27 -1.65 -13.80
N VAL A 103 1.31 -1.36 -14.66
CA VAL A 103 -0.07 -1.80 -14.47
C VAL A 103 -0.32 -3.08 -15.26
N VAL A 104 -1.12 -3.99 -14.70
CA VAL A 104 -1.47 -5.22 -15.38
C VAL A 104 -2.67 -4.97 -16.28
N PHE A 105 -2.48 -5.25 -17.56
CA PHE A 105 -3.58 -5.20 -18.52
C PHE A 105 -4.67 -6.18 -18.11
N PRO A 106 -5.96 -5.86 -18.33
CA PRO A 106 -7.02 -6.85 -18.10
C PRO A 106 -7.05 -7.93 -19.17
N TYR A 107 -6.13 -8.89 -19.05
CA TYR A 107 -5.96 -9.86 -20.12
C TYR A 107 -7.07 -10.91 -20.13
N ARG A 108 -7.66 -11.25 -18.98
CA ARG A 108 -8.77 -12.20 -19.01
C ARG A 108 -9.98 -11.61 -19.71
N ALA A 109 -10.19 -10.29 -19.58
CA ALA A 109 -11.26 -9.64 -20.32
C ALA A 109 -11.02 -9.72 -21.82
N LEU A 110 -9.78 -9.48 -22.26
CA LEU A 110 -9.45 -9.62 -23.68
C LEU A 110 -9.61 -11.06 -24.14
N MET A 111 -9.20 -12.02 -23.32
CA MET A 111 -9.39 -13.42 -23.69
C MET A 111 -10.86 -13.77 -23.83
N ALA A 112 -11.73 -13.03 -23.14
CA ALA A 112 -13.17 -13.17 -23.26
C ALA A 112 -13.74 -12.38 -24.44
N GLY A 113 -12.92 -11.65 -25.17
CA GLY A 113 -13.39 -10.90 -26.32
C GLY A 113 -13.68 -9.44 -26.09
N ASN A 114 -13.30 -8.87 -24.94
CA ASN A 114 -13.52 -7.45 -24.63
C ASN A 114 -12.21 -6.69 -24.80
N GLU A 115 -12.07 -5.98 -25.92
CA GLU A 115 -10.92 -5.12 -26.17
C GLU A 115 -11.06 -3.75 -25.53
N GLN A 116 -12.29 -3.32 -25.26
CA GLN A 116 -12.50 -1.94 -24.87
C GLN A 116 -12.04 -1.67 -23.45
N VAL A 117 -12.34 -2.58 -22.51
CA VAL A 117 -11.98 -2.30 -21.12
C VAL A 117 -10.47 -2.16 -20.97
N GLY A 118 -9.71 -3.00 -21.68
CA GLY A 118 -8.26 -2.87 -21.66
C GLY A 118 -7.79 -1.51 -22.15
N PHE A 119 -8.37 -1.03 -23.26
CA PHE A 119 -8.01 0.29 -23.76
C PHE A 119 -8.30 1.37 -22.73
N ASP A 120 -9.50 1.34 -22.13
CA ASP A 120 -9.88 2.40 -21.20
C ASP A 120 -9.07 2.33 -19.92
N LEU A 121 -8.77 1.11 -19.46
CA LEU A 121 -8.02 0.98 -18.22
C LEU A 121 -6.61 1.52 -18.39
N VAL A 122 -5.92 1.12 -19.46
CA VAL A 122 -4.58 1.67 -19.71
C VAL A 122 -4.63 3.18 -19.86
N LYS A 123 -5.59 3.69 -20.65
CA LYS A 123 -5.67 5.12 -20.91
C LYS A 123 -5.93 5.91 -19.63
N ALA A 124 -6.81 5.40 -18.75
CA ALA A 124 -7.09 6.09 -17.49
C ALA A 124 -5.83 6.17 -16.62
N CYS A 125 -5.09 5.07 -16.52
CA CYS A 125 -3.88 5.05 -15.71
C CYS A 125 -2.79 5.90 -16.33
N LYS A 126 -2.68 5.90 -17.67
CA LYS A 126 -1.72 6.75 -18.37
C LYS A 126 -1.98 8.23 -18.10
N GLU A 127 -3.25 8.64 -18.17
CA GLU A 127 -3.57 10.05 -17.94
C GLU A 127 -3.13 10.48 -16.55
N ALA A 128 -3.41 9.65 -15.55
CA ALA A 128 -2.97 9.96 -14.19
C ALA A 128 -1.45 10.04 -14.11
N CYS A 129 -0.76 9.05 -14.68
CA CYS A 129 0.69 9.03 -14.60
C CYS A 129 1.31 10.19 -15.36
N ALA A 130 0.85 10.44 -16.59
CA ALA A 130 1.39 11.53 -17.39
C ALA A 130 1.23 12.88 -16.67
N ALA A 131 0.08 13.11 -16.05
CA ALA A 131 -0.13 14.36 -15.33
C ALA A 131 0.86 14.53 -14.19
N ALA A 132 1.44 13.44 -13.70
CA ALA A 132 2.37 13.47 -12.58
C ALA A 132 3.81 13.24 -13.01
N ASN A 133 4.09 13.28 -14.32
CA ASN A 133 5.40 12.95 -14.89
C ASN A 133 5.91 11.60 -14.39
N VAL A 134 5.05 10.60 -14.51
CA VAL A 134 5.34 9.21 -14.15
C VAL A 134 5.13 8.37 -15.40
N LEU A 135 6.09 7.50 -15.70
CA LEU A 135 5.93 6.62 -16.86
C LEU A 135 5.00 5.46 -16.49
N LEU A 136 4.28 4.96 -17.50
CA LEU A 136 3.36 3.84 -17.33
C LEU A 136 3.83 2.67 -18.16
N LYS A 137 4.14 1.55 -17.51
CA LYS A 137 4.38 0.29 -18.23
C LYS A 137 3.12 -0.57 -18.12
N VAL A 138 2.84 -1.33 -19.16
CA VAL A 138 1.64 -2.18 -19.17
C VAL A 138 2.07 -3.63 -19.27
N ILE A 139 1.71 -4.42 -18.25
CA ILE A 139 1.96 -5.86 -18.23
C ILE A 139 0.81 -6.57 -18.93
N ILE A 140 1.12 -7.27 -20.03
CA ILE A 140 0.04 -7.93 -20.74
C ILE A 140 -0.12 -9.40 -20.37
N GLU A 141 0.85 -9.99 -19.67
CA GLU A 141 0.80 -11.40 -19.22
C GLU A 141 0.76 -12.37 -20.40
N THR A 142 1.83 -12.33 -21.20
CA THR A 142 1.96 -13.20 -22.37
C THR A 142 1.75 -14.68 -22.03
N GLY A 143 2.13 -15.12 -20.83
CA GLY A 143 1.98 -16.51 -20.47
C GLY A 143 0.53 -16.96 -20.41
N GLU A 144 -0.38 -16.08 -19.99
CA GLU A 144 -1.80 -16.40 -19.94
C GLU A 144 -2.47 -16.14 -21.28
N LEU A 145 -2.06 -15.07 -21.97
CA LEU A 145 -2.56 -14.83 -23.33
C LEU A 145 -2.25 -16.03 -24.23
N LYS A 146 -1.00 -16.50 -24.18
CA LYS A 146 -0.55 -17.75 -24.80
C LYS A 146 -0.47 -17.62 -26.33
N ASP A 147 -1.57 -17.27 -26.98
CA ASP A 147 -1.60 -17.23 -28.44
C ASP A 147 -0.96 -15.96 -28.97
N GLU A 148 -0.23 -16.11 -30.08
CA GLU A 148 0.46 -14.98 -30.70
C GLU A 148 -0.50 -13.87 -31.09
N ALA A 149 -1.71 -14.21 -31.56
CA ALA A 149 -2.64 -13.17 -31.97
C ALA A 149 -3.09 -12.33 -30.77
N LEU A 150 -3.30 -12.96 -29.61
CA LEU A 150 -3.69 -12.22 -28.42
C LEU A 150 -2.55 -11.39 -27.88
N ILE A 151 -1.32 -11.89 -28.00
CA ILE A 151 -0.16 -11.12 -27.55
C ILE A 151 0.00 -9.87 -28.40
N ARG A 152 -0.13 -10.00 -29.71
CA ARG A 152 -0.11 -8.82 -30.57
C ARG A 152 -1.24 -7.86 -30.21
N LYS A 153 -2.45 -8.38 -30.04
CA LYS A 153 -3.60 -7.51 -29.79
C LYS A 153 -3.46 -6.75 -28.48
N ALA A 154 -3.11 -7.45 -27.39
CA ALA A 154 -2.92 -6.76 -26.12
C ALA A 154 -1.80 -5.72 -26.20
N SER A 155 -0.73 -6.05 -26.92
CA SER A 155 0.33 -5.06 -27.15
C SER A 155 -0.20 -3.86 -27.93
N GLU A 156 -0.94 -4.11 -29.00
N GLU A 156 -0.93 -4.12 -29.01
CA GLU A 156 -1.46 -3.03 -29.82
CA GLU A 156 -1.48 -3.05 -29.82
C GLU A 156 -2.40 -2.13 -29.01
C GLU A 156 -2.38 -2.13 -28.99
N ILE A 157 -3.32 -2.72 -28.25
CA ILE A 157 -4.27 -1.94 -27.46
C ILE A 157 -3.55 -1.08 -26.43
N SER A 158 -2.55 -1.67 -25.78
CA SER A 158 -1.80 -0.93 -24.77
C SER A 158 -1.05 0.24 -25.38
N ILE A 159 -0.41 0.01 -26.53
CA ILE A 159 0.30 1.09 -27.21
C ILE A 159 -0.67 2.20 -27.61
N LYS A 160 -1.79 1.83 -28.23
CA LYS A 160 -2.76 2.84 -28.67
C LYS A 160 -3.36 3.60 -27.49
N ALA A 161 -3.46 2.94 -26.33
CA ALA A 161 -3.99 3.61 -25.15
C ALA A 161 -2.94 4.40 -24.40
N GLY A 162 -1.67 4.34 -24.81
CA GLY A 162 -0.67 5.24 -24.30
C GLY A 162 0.43 4.63 -23.46
N ALA A 163 0.61 3.30 -23.48
CA ALA A 163 1.67 2.69 -22.72
C ALA A 163 3.01 3.30 -23.11
N ASP A 164 3.83 3.64 -22.11
CA ASP A 164 5.21 4.07 -22.34
C ASP A 164 6.16 2.89 -22.46
N PHE A 165 5.78 1.75 -21.90
CA PHE A 165 6.45 0.47 -22.03
C PHE A 165 5.38 -0.60 -22.19
N ILE A 166 5.73 -1.70 -22.84
CA ILE A 166 4.95 -2.92 -22.71
C ILE A 166 5.86 -4.00 -22.14
N LYS A 167 5.32 -4.75 -21.19
CA LYS A 167 6.06 -5.68 -20.35
C LYS A 167 5.40 -7.06 -20.46
N THR A 168 6.21 -8.12 -20.53
CA THR A 168 5.64 -9.44 -20.79
C THR A 168 4.73 -9.92 -19.68
N SER A 169 5.17 -9.81 -18.42
CA SER A 169 4.68 -10.72 -17.40
C SER A 169 4.73 -10.10 -16.00
N THR A 170 3.91 -10.66 -15.10
CA THR A 170 3.91 -10.32 -13.68
C THR A 170 4.97 -11.08 -12.90
N GLY A 171 5.50 -12.17 -13.44
CA GLY A 171 6.30 -13.07 -12.64
C GLY A 171 5.52 -13.93 -11.67
N LYS A 172 4.18 -13.96 -11.77
CA LYS A 172 3.35 -14.67 -10.81
C LYS A 172 2.54 -15.80 -11.44
N VAL A 173 2.72 -16.08 -12.73
CA VAL A 173 1.97 -17.12 -13.41
C VAL A 173 2.95 -18.16 -13.90
N ALA A 174 2.42 -19.24 -14.50
CA ALA A 174 3.26 -20.39 -14.83
C ALA A 174 4.34 -20.04 -15.85
N VAL A 175 3.99 -19.26 -16.87
CA VAL A 175 4.92 -18.91 -17.95
C VAL A 175 5.07 -17.39 -17.97
N ASN A 176 6.32 -16.93 -17.98
CA ASN A 176 6.58 -15.50 -18.01
C ASN A 176 7.39 -15.17 -19.26
N ALA A 177 8.45 -14.38 -19.15
CA ALA A 177 9.16 -13.98 -20.36
C ALA A 177 9.70 -15.19 -21.11
N THR A 178 9.56 -15.17 -22.44
CA THR A 178 10.27 -16.09 -23.34
C THR A 178 10.81 -15.27 -24.51
N PRO A 179 11.91 -15.71 -25.11
CA PRO A 179 12.40 -14.99 -26.30
C PRO A 179 11.36 -14.92 -27.39
N GLU A 180 10.51 -15.93 -27.49
CA GLU A 180 9.43 -15.91 -28.47
C GLU A 180 8.42 -14.82 -28.17
N SER A 181 7.96 -14.73 -26.92
CA SER A 181 7.02 -13.67 -26.55
CA SER A 181 7.02 -13.67 -26.58
C SER A 181 7.67 -12.30 -26.68
N ALA A 182 8.95 -12.20 -26.33
CA ALA A 182 9.64 -10.92 -26.46
C ALA A 182 9.67 -10.45 -27.92
N ARG A 183 9.97 -11.36 -28.84
CA ARG A 183 10.07 -10.97 -30.24
C ARG A 183 8.72 -10.51 -30.77
N ILE A 184 7.64 -11.19 -30.39
CA ILE A 184 6.30 -10.79 -30.84
C ILE A 184 6.00 -9.37 -30.38
N MET A 185 6.24 -9.08 -29.10
CA MET A 185 5.93 -7.75 -28.59
C MET A 185 6.80 -6.69 -29.24
N MET A 186 8.09 -6.98 -29.46
CA MET A 186 8.94 -5.98 -30.10
C MET A 186 8.57 -5.79 -31.56
N GLU A 187 8.09 -6.85 -32.23
CA GLU A 187 7.59 -6.71 -33.59
C GLU A 187 6.37 -5.80 -33.65
N VAL A 188 5.54 -5.78 -32.59
CA VAL A 188 4.42 -4.86 -32.58
C VAL A 188 4.90 -3.42 -32.48
N ILE A 189 5.86 -3.17 -31.58
CA ILE A 189 6.49 -1.85 -31.49
C ILE A 189 7.03 -1.44 -32.86
N ARG A 190 7.74 -2.35 -33.52
CA ARG A 190 8.33 -2.05 -34.82
C ARG A 190 7.25 -1.77 -35.85
N ASP A 191 6.26 -2.67 -35.96
CA ASP A 191 5.27 -2.56 -37.02
C ASP A 191 4.38 -1.35 -36.85
N MET A 192 4.13 -0.96 -35.59
CA MET A 192 3.33 0.23 -35.33
C MET A 192 4.13 1.51 -35.45
N GLY A 193 5.45 1.41 -35.61
CA GLY A 193 6.30 2.57 -35.77
C GLY A 193 6.44 3.42 -34.53
N VAL A 194 6.37 2.83 -33.35
CA VAL A 194 6.38 3.58 -32.10
C VAL A 194 7.64 3.33 -31.29
N GLU A 195 8.71 2.85 -31.93
CA GLU A 195 9.91 2.52 -31.17
C GLU A 195 10.51 3.72 -30.47
N LYS A 196 10.23 4.94 -30.92
CA LYS A 196 10.75 6.08 -30.19
C LYS A 196 9.99 6.35 -28.90
N THR A 197 8.73 5.94 -28.80
CA THR A 197 7.92 6.30 -27.65
C THR A 197 7.50 5.14 -26.78
N VAL A 198 7.77 3.90 -27.18
CA VAL A 198 7.33 2.75 -26.41
C VAL A 198 8.53 1.84 -26.18
N GLY A 199 8.88 1.62 -24.91
CA GLY A 199 9.92 0.68 -24.56
C GLY A 199 9.39 -0.73 -24.32
N PHE A 200 10.33 -1.65 -24.11
CA PHE A 200 10.00 -3.05 -23.91
C PHE A 200 10.67 -3.57 -22.65
N LYS A 201 10.01 -4.49 -21.95
CA LYS A 201 10.51 -5.02 -20.68
C LYS A 201 10.15 -6.50 -20.55
N PRO A 202 11.09 -7.41 -20.78
CA PRO A 202 10.85 -8.81 -20.41
C PRO A 202 10.93 -8.94 -18.90
N ALA A 203 10.07 -9.76 -18.32
CA ALA A 203 10.02 -9.88 -16.87
C ALA A 203 9.58 -11.28 -16.48
N GLY A 204 10.02 -11.73 -15.31
CA GLY A 204 9.70 -13.07 -14.83
C GLY A 204 10.55 -14.15 -15.47
N GLY A 205 11.17 -14.98 -14.65
CA GLY A 205 11.95 -16.10 -15.16
C GLY A 205 13.26 -15.75 -15.84
N VAL A 206 13.64 -14.48 -15.93
CA VAL A 206 14.91 -14.09 -16.54
C VAL A 206 15.96 -14.13 -15.45
N ARG A 207 16.79 -15.18 -15.47
CA ARG A 207 17.67 -15.45 -14.34
C ARG A 207 19.15 -15.51 -14.69
N THR A 208 19.51 -15.74 -15.95
CA THR A 208 20.91 -15.94 -16.31
C THR A 208 21.37 -14.86 -17.27
N ALA A 209 22.68 -14.59 -17.23
CA ALA A 209 23.26 -13.64 -18.17
C ALA A 209 23.10 -14.11 -19.61
N GLU A 210 23.09 -15.43 -19.84
CA GLU A 210 22.87 -15.93 -21.18
C GLU A 210 21.50 -15.53 -21.69
N ASP A 211 20.48 -15.65 -20.85
CA ASP A 211 19.13 -15.27 -21.27
C ASP A 211 19.02 -13.77 -21.49
N ALA A 212 19.61 -12.97 -20.61
CA ALA A 212 19.58 -11.52 -20.82
C ALA A 212 20.21 -11.15 -22.15
N GLN A 213 21.29 -11.86 -22.54
CA GLN A 213 21.92 -11.58 -23.83
C GLN A 213 20.96 -11.84 -24.98
N LYS A 214 20.19 -12.92 -24.90
CA LYS A 214 19.24 -13.23 -25.97
C LYS A 214 18.17 -12.16 -26.09
N TYR A 215 17.74 -11.58 -24.97
CA TYR A 215 16.69 -10.57 -25.03
C TYR A 215 17.21 -9.28 -25.65
N LEU A 216 18.43 -8.89 -25.31
CA LEU A 216 19.02 -7.71 -25.92
C LEU A 216 19.36 -7.94 -27.38
N ALA A 217 19.76 -9.15 -27.75
CA ALA A 217 20.04 -9.43 -29.15
C ALA A 217 18.81 -9.17 -30.03
N ILE A 218 17.62 -9.54 -29.55
CA ILE A 218 16.39 -9.28 -30.30
C ILE A 218 16.19 -7.77 -30.49
N ALA A 219 16.38 -7.01 -29.41
CA ALA A 219 16.26 -5.56 -29.50
C ALA A 219 17.26 -4.99 -30.51
N ASP A 220 18.52 -5.41 -30.41
CA ASP A 220 19.55 -4.91 -31.32
C ASP A 220 19.20 -5.24 -32.77
N GLU A 221 18.69 -6.45 -33.00
CA GLU A 221 18.34 -6.89 -34.34
C GLU A 221 17.21 -6.05 -34.94
N LEU A 222 16.19 -5.71 -34.14
CA LEU A 222 15.02 -5.04 -34.69
C LEU A 222 15.21 -3.54 -34.78
N PHE A 223 15.91 -2.93 -33.82
CA PHE A 223 15.95 -1.47 -33.76
C PHE A 223 17.38 -0.90 -33.80
N GLY A 224 18.39 -1.74 -33.98
CA GLY A 224 19.76 -1.27 -33.94
C GLY A 224 20.34 -1.34 -32.54
N ALA A 225 21.68 -1.39 -32.48
CA ALA A 225 22.37 -1.64 -31.23
C ALA A 225 22.24 -0.49 -30.24
N ASP A 226 21.87 0.70 -30.71
CA ASP A 226 21.79 1.87 -29.84
C ASP A 226 20.41 2.11 -29.24
N TRP A 227 19.40 1.33 -29.63
CA TRP A 227 18.03 1.65 -29.23
C TRP A 227 17.76 1.36 -27.76
N ALA A 228 18.24 0.21 -27.26
CA ALA A 228 17.87 -0.27 -25.92
C ALA A 228 18.63 0.51 -24.85
N ASP A 229 18.16 1.73 -24.60
CA ASP A 229 18.57 2.51 -23.45
C ASP A 229 17.50 2.42 -22.37
N ALA A 230 17.71 3.13 -21.27
CA ALA A 230 16.84 2.97 -20.10
C ALA A 230 15.41 3.42 -20.39
N ARG A 231 15.22 4.41 -21.27
CA ARG A 231 13.87 4.81 -21.62
C ARG A 231 13.17 3.76 -22.47
N HIS A 232 13.92 2.87 -23.14
CA HIS A 232 13.33 1.95 -24.10
C HIS A 232 13.49 0.48 -23.75
N TYR A 233 14.26 0.13 -22.71
CA TYR A 233 14.45 -1.28 -22.37
C TYR A 233 14.71 -1.40 -20.88
N ARG A 234 14.04 -2.36 -20.23
CA ARG A 234 14.32 -2.74 -18.85
C ARG A 234 14.25 -4.26 -18.72
N PHE A 235 14.99 -4.79 -17.76
CA PHE A 235 14.85 -6.19 -17.34
C PHE A 235 14.11 -6.22 -16.00
N GLY A 236 12.94 -6.86 -15.99
CA GLY A 236 12.25 -7.09 -14.72
C GLY A 236 12.77 -8.37 -14.09
N ALA A 237 13.62 -8.24 -13.07
CA ALA A 237 14.35 -9.40 -12.59
C ALA A 237 14.94 -9.14 -11.21
N SER A 238 15.37 -10.24 -10.57
CA SER A 238 15.99 -10.15 -9.25
C SER A 238 17.30 -10.91 -9.23
N SER A 239 17.22 -12.25 -9.12
CA SER A 239 18.41 -13.09 -9.04
C SER A 239 19.29 -12.95 -10.28
N LEU A 240 18.77 -12.33 -11.35
CA LEU A 240 19.56 -12.08 -12.54
C LEU A 240 20.80 -11.25 -12.23
N LEU A 241 20.69 -10.30 -11.30
CA LEU A 241 21.82 -9.42 -10.99
C LEU A 241 23.05 -10.21 -10.57
N ALA A 242 22.86 -11.23 -9.73
CA ALA A 242 23.98 -12.07 -9.30
C ALA A 242 24.65 -12.74 -10.49
N SER A 243 23.85 -13.22 -11.45
N SER A 243 23.85 -13.22 -11.45
CA SER A 243 24.40 -13.89 -12.62
CA SER A 243 24.42 -13.89 -12.62
C SER A 243 25.14 -12.91 -13.52
C SER A 243 25.15 -12.91 -13.52
N LEU A 244 24.61 -11.69 -13.66
CA LEU A 244 25.29 -10.67 -14.46
C LEU A 244 26.62 -10.26 -13.82
N LEU A 245 26.64 -10.13 -12.49
CA LEU A 245 27.87 -9.76 -11.80
C LEU A 245 28.90 -10.88 -11.90
N LYS A 246 28.45 -12.13 -11.79
CA LYS A 246 29.38 -13.25 -11.91
C LYS A 246 30.01 -13.27 -13.30
N ALA A 247 29.24 -12.94 -14.33
CA ALA A 247 29.81 -12.82 -15.66
C ALA A 247 30.78 -11.66 -15.76
N LEU A 248 30.71 -10.70 -14.83
CA LEU A 248 31.58 -9.53 -14.88
C LEU A 248 32.81 -9.66 -13.99
N GLY A 249 32.89 -10.70 -13.18
CA GLY A 249 33.98 -10.85 -12.24
C GLY A 249 33.72 -10.36 -10.82
N HIS A 250 32.46 -10.32 -10.40
CA HIS A 250 32.12 -9.95 -9.02
C HIS A 250 31.18 -10.97 -8.38
N ASP B 3 -26.80 -3.55 30.76
CA ASP B 3 -26.03 -4.73 31.21
C ASP B 3 -25.01 -5.14 30.15
N LEU B 4 -24.48 -6.35 30.29
CA LEU B 4 -23.41 -6.81 29.41
C LEU B 4 -23.89 -6.95 27.97
N LYS B 5 -25.15 -7.36 27.78
CA LYS B 5 -25.66 -7.49 26.42
C LYS B 5 -25.80 -6.13 25.76
N ALA B 6 -26.35 -5.15 26.47
CA ALA B 6 -26.51 -3.82 25.90
C ALA B 6 -25.17 -3.21 25.51
N SER B 7 -24.17 -3.31 26.40
CA SER B 7 -22.86 -2.77 26.09
C SER B 7 -22.19 -3.52 24.93
N SER B 8 -22.45 -4.83 24.82
CA SER B 8 -21.83 -5.60 23.75
C SER B 8 -22.34 -5.17 22.38
N LEU B 9 -23.66 -4.91 22.26
CA LEU B 9 -24.18 -4.38 21.01
C LEU B 9 -23.62 -3.00 20.73
N ARG B 10 -23.51 -2.19 21.76
CA ARG B 10 -22.98 -0.84 21.61
C ARG B 10 -21.53 -0.89 21.13
N ALA B 11 -20.73 -1.76 21.74
CA ALA B 11 -19.33 -1.91 21.33
C ALA B 11 -19.24 -2.45 19.91
N LEU B 12 -20.08 -3.42 19.55
CA LEU B 12 -20.12 -3.92 18.18
C LEU B 12 -20.33 -2.78 17.19
N LYS B 13 -21.29 -1.90 17.47
CA LYS B 13 -21.60 -0.86 16.51
C LYS B 13 -20.55 0.25 16.49
N LEU B 14 -19.60 0.23 17.42
CA LEU B 14 -18.49 1.17 17.43
C LEU B 14 -17.18 0.50 17.03
N MET B 15 -17.22 -0.73 16.52
N MET B 15 -17.23 -0.73 16.51
CA MET B 15 -15.99 -1.44 16.25
CA MET B 15 -16.02 -1.46 16.22
C MET B 15 -15.38 -0.99 14.94
C MET B 15 -15.38 -0.98 14.92
N ASP B 16 -14.07 -0.76 14.96
CA ASP B 16 -13.23 -0.74 13.76
C ASP B 16 -12.73 -2.17 13.60
N LEU B 17 -13.47 -2.97 12.82
CA LEU B 17 -13.16 -4.39 12.69
C LEU B 17 -11.88 -4.55 11.87
N THR B 18 -10.84 -5.12 12.48
CA THR B 18 -9.48 -4.97 12.00
C THR B 18 -8.88 -6.28 11.49
N THR B 19 -8.12 -6.20 10.39
CA THR B 19 -7.06 -7.17 10.11
C THR B 19 -5.84 -6.41 9.60
N LEU B 20 -4.70 -6.59 10.28
CA LEU B 20 -3.44 -5.96 9.89
C LEU B 20 -2.34 -7.00 10.09
N LYS B 21 -2.31 -8.01 9.21
CA LYS B 21 -1.43 -9.15 9.39
C LYS B 21 -0.47 -9.26 8.21
N ASP B 22 0.69 -9.87 8.48
CA ASP B 22 1.69 -10.04 7.43
C ASP B 22 1.16 -10.86 6.27
N ASP B 23 0.17 -11.72 6.52
CA ASP B 23 -0.37 -12.62 5.52
C ASP B 23 -1.79 -12.24 5.09
N ASP B 24 -2.19 -10.99 5.32
CA ASP B 24 -3.45 -10.50 4.74
C ASP B 24 -3.46 -10.68 3.23
N THR B 25 -4.63 -11.02 2.69
CA THR B 25 -4.86 -11.13 1.26
C THR B 25 -6.19 -10.47 0.93
N ASP B 26 -6.43 -10.25 -0.36
CA ASP B 26 -7.73 -9.80 -0.81
C ASP B 26 -8.84 -10.71 -0.28
N GLU B 27 -8.64 -12.03 -0.34
CA GLU B 27 -9.68 -12.94 0.14
C GLU B 27 -9.96 -12.76 1.62
N LYS B 28 -8.91 -12.61 2.43
CA LYS B 28 -9.11 -12.40 3.85
C LYS B 28 -9.79 -11.06 4.16
N VAL B 29 -9.53 -10.04 3.35
CA VAL B 29 -10.20 -8.76 3.57
C VAL B 29 -11.65 -8.85 3.11
N ILE B 30 -11.92 -9.58 2.02
CA ILE B 30 -13.30 -9.79 1.61
C ILE B 30 -14.08 -10.49 2.71
N ALA B 31 -13.48 -11.51 3.33
CA ALA B 31 -14.11 -12.19 4.45
C ALA B 31 -14.34 -11.25 5.64
N LEU B 32 -13.35 -10.41 5.95
CA LEU B 32 -13.53 -9.43 7.02
C LEU B 32 -14.73 -8.54 6.74
N CYS B 33 -14.87 -8.05 5.50
CA CYS B 33 -16.00 -7.21 5.13
C CYS B 33 -17.32 -7.93 5.40
N HIS B 34 -17.38 -9.22 5.06
CA HIS B 34 -18.57 -10.01 5.33
C HIS B 34 -18.83 -10.11 6.83
N GLN B 35 -17.77 -10.27 7.63
N GLN B 35 -17.76 -10.25 7.62
CA GLN B 35 -17.91 -10.37 9.07
CA GLN B 35 -17.92 -10.36 9.07
C GLN B 35 -18.48 -9.07 9.66
C GLN B 35 -18.44 -9.07 9.69
N ALA B 36 -18.13 -7.92 9.07
CA ALA B 36 -18.58 -6.64 9.61
C ALA B 36 -20.08 -6.45 9.50
N LYS B 37 -20.73 -7.18 8.59
CA LYS B 37 -22.18 -7.19 8.47
C LYS B 37 -22.70 -8.31 9.36
N THR B 38 -22.98 -8.00 10.62
CA THR B 38 -23.35 -9.03 11.58
C THR B 38 -24.85 -9.18 11.66
N PRO B 39 -25.35 -10.27 12.25
CA PRO B 39 -26.80 -10.47 12.34
C PRO B 39 -27.51 -9.47 13.23
N VAL B 40 -26.81 -8.64 14.00
CA VAL B 40 -27.44 -7.65 14.86
C VAL B 40 -27.12 -6.22 14.42
N GLY B 41 -26.48 -6.05 13.26
CA GLY B 41 -26.09 -4.75 12.77
C GLY B 41 -24.66 -4.74 12.28
N ASN B 42 -24.24 -3.58 11.79
CA ASN B 42 -22.93 -3.39 11.17
C ASN B 42 -21.96 -2.79 12.17
N THR B 43 -20.69 -3.14 12.02
CA THR B 43 -19.66 -2.44 12.77
C THR B 43 -19.54 -1.00 12.25
N ALA B 44 -18.85 -0.14 13.02
CA ALA B 44 -18.66 1.23 12.55
C ALA B 44 -17.78 1.25 11.30
N ALA B 45 -16.75 0.41 11.27
CA ALA B 45 -15.76 0.50 10.21
C ALA B 45 -15.02 -0.82 10.12
N ILE B 46 -14.17 -0.91 9.09
CA ILE B 46 -13.10 -1.88 9.05
C ILE B 46 -11.79 -1.09 9.11
N CYS B 47 -10.73 -1.75 9.57
CA CYS B 47 -9.39 -1.18 9.57
C CYS B 47 -8.46 -2.18 8.91
N ILE B 48 -7.83 -1.76 7.80
CA ILE B 48 -7.07 -2.66 6.94
C ILE B 48 -5.85 -1.90 6.44
N TYR B 49 -4.90 -2.63 5.87
CA TYR B 49 -3.77 -1.96 5.23
C TYR B 49 -4.26 -1.22 3.97
N PRO B 50 -3.55 -0.16 3.56
CA PRO B 50 -4.06 0.71 2.49
C PRO B 50 -4.29 0.00 1.16
N ARG B 51 -3.44 -0.97 0.81
CA ARG B 51 -3.58 -1.60 -0.50
C ARG B 51 -4.88 -2.39 -0.64
N PHE B 52 -5.56 -2.67 0.46
CA PHE B 52 -6.81 -3.42 0.42
C PHE B 52 -8.04 -2.53 0.37
N ILE B 53 -7.89 -1.20 0.39
CA ILE B 53 -9.05 -0.30 0.42
C ILE B 53 -9.94 -0.48 -0.81
N PRO B 54 -9.43 -0.47 -2.05
CA PRO B 54 -10.36 -0.52 -3.19
C PRO B 54 -11.21 -1.79 -3.25
N ILE B 55 -10.62 -2.97 -3.03
CA ILE B 55 -11.45 -4.19 -3.04
C ILE B 55 -12.38 -4.21 -1.83
N ALA B 56 -11.95 -3.66 -0.69
CA ALA B 56 -12.84 -3.59 0.46
C ALA B 56 -14.05 -2.72 0.16
N ARG B 57 -13.84 -1.57 -0.47
CA ARG B 57 -14.96 -0.70 -0.80
C ARG B 57 -15.95 -1.39 -1.73
N LYS B 58 -15.45 -2.09 -2.75
CA LYS B 58 -16.31 -2.86 -3.64
C LYS B 58 -17.06 -3.95 -2.88
N THR B 59 -16.39 -4.65 -1.96
CA THR B 59 -17.03 -5.73 -1.22
C THR B 59 -18.13 -5.19 -0.32
N LEU B 60 -17.86 -4.09 0.39
CA LEU B 60 -18.86 -3.50 1.26
C LEU B 60 -20.06 -3.00 0.46
N LYS B 61 -19.81 -2.40 -0.70
CA LYS B 61 -20.89 -1.90 -1.53
C LYS B 61 -21.77 -3.04 -2.04
N GLU B 62 -21.15 -4.12 -2.49
CA GLU B 62 -21.93 -5.18 -3.12
C GLU B 62 -22.73 -5.99 -2.12
N GLN B 63 -22.40 -5.91 -0.82
CA GLN B 63 -23.19 -6.57 0.21
C GLN B 63 -24.21 -5.64 0.85
N GLY B 64 -24.36 -4.43 0.32
CA GLY B 64 -25.35 -3.51 0.83
C GLY B 64 -25.01 -2.90 2.17
N THR B 65 -23.72 -2.74 2.47
CA THR B 65 -23.27 -2.00 3.64
C THR B 65 -22.24 -0.93 3.27
N PRO B 66 -22.59 0.00 2.37
CA PRO B 66 -21.65 1.08 2.04
C PRO B 66 -21.42 2.06 3.18
N GLU B 67 -22.28 2.10 4.19
CA GLU B 67 -22.09 2.98 5.33
C GLU B 67 -20.99 2.51 6.27
N ILE B 68 -20.53 1.27 6.14
CA ILE B 68 -19.38 0.83 6.91
C ILE B 68 -18.15 1.58 6.40
N ARG B 69 -17.51 2.35 7.30
CA ARG B 69 -16.35 3.17 6.92
C ARG B 69 -15.10 2.32 6.76
N ILE B 70 -14.15 2.84 5.98
CA ILE B 70 -12.87 2.15 5.76
C ILE B 70 -11.76 2.98 6.40
N ALA B 71 -11.23 2.49 7.51
CA ALA B 71 -10.05 3.07 8.15
C ALA B 71 -8.80 2.32 7.72
N THR B 72 -7.65 3.01 7.78
CA THR B 72 -6.39 2.39 7.44
C THR B 72 -5.34 2.96 8.38
N VAL B 73 -4.09 2.51 8.21
CA VAL B 73 -3.00 2.91 9.09
C VAL B 73 -1.85 3.44 8.24
N THR B 74 -1.15 4.46 8.76
CA THR B 74 0.03 5.00 8.10
C THR B 74 1.10 5.33 9.13
N ASN B 75 2.35 5.49 8.66
CA ASN B 75 3.50 5.64 9.53
C ASN B 75 3.57 4.49 10.52
N PHE B 76 3.17 3.31 10.04
CA PHE B 76 2.75 2.19 10.85
C PHE B 76 3.65 0.98 10.60
N PRO B 77 4.01 0.22 11.65
CA PRO B 77 3.62 0.49 13.05
C PRO B 77 4.68 1.28 13.82
N HIS B 78 5.75 1.66 13.13
CA HIS B 78 6.97 2.15 13.76
C HIS B 78 6.80 3.51 14.43
N GLY B 79 5.96 4.39 13.88
CA GLY B 79 5.92 5.75 14.38
C GLY B 79 7.24 6.48 14.23
N ASN B 80 7.90 6.30 13.08
CA ASN B 80 9.14 7.03 12.82
C ASN B 80 8.84 8.53 12.73
N ASP B 81 9.89 9.34 12.81
CA ASP B 81 9.74 10.79 12.85
C ASP B 81 10.03 11.46 11.50
N ASP B 82 9.92 10.71 10.41
CA ASP B 82 10.10 11.28 9.08
C ASP B 82 8.73 11.75 8.61
N ILE B 83 8.52 13.08 8.62
CA ILE B 83 7.21 13.62 8.25
C ILE B 83 6.93 13.40 6.77
N ASP B 84 7.94 13.61 5.91
CA ASP B 84 7.74 13.39 4.48
C ASP B 84 7.16 12.00 4.22
N ILE B 85 7.71 10.98 4.87
CA ILE B 85 7.24 9.63 4.67
C ILE B 85 5.81 9.45 5.21
N ALA B 86 5.57 9.93 6.44
CA ALA B 86 4.23 9.82 7.02
C ALA B 86 3.21 10.54 6.15
N LEU B 87 3.56 11.72 5.63
CA LEU B 87 2.63 12.45 4.78
C LEU B 87 2.40 11.74 3.46
N ALA B 88 3.47 11.20 2.87
CA ALA B 88 3.31 10.50 1.59
C ALA B 88 2.42 9.27 1.72
N GLU B 89 2.58 8.50 2.81
CA GLU B 89 1.71 7.34 3.02
C GLU B 89 0.27 7.77 3.26
N THR B 90 0.09 8.87 3.99
CA THR B 90 -1.25 9.39 4.23
C THR B 90 -1.89 9.85 2.92
N ARG B 91 -1.13 10.56 2.07
N ARG B 91 -1.13 10.56 2.07
CA ARG B 91 -1.65 10.96 0.77
CA ARG B 91 -1.68 10.95 0.78
C ARG B 91 -2.02 9.73 -0.06
C ARG B 91 -2.03 9.73 -0.06
N ALA B 92 -1.24 8.66 0.04
CA ALA B 92 -1.54 7.43 -0.68
C ALA B 92 -2.81 6.77 -0.15
N ALA B 93 -2.93 6.66 1.18
CA ALA B 93 -4.16 6.15 1.78
C ALA B 93 -5.38 6.91 1.28
N ILE B 94 -5.31 8.24 1.30
CA ILE B 94 -6.41 9.05 0.78
C ILE B 94 -6.70 8.70 -0.69
N ALA B 95 -5.65 8.59 -1.50
CA ALA B 95 -5.83 8.28 -2.92
C ALA B 95 -6.47 6.91 -3.13
N TYR B 96 -6.06 5.91 -2.32
CA TYR B 96 -6.69 4.60 -2.37
C TYR B 96 -8.18 4.67 -2.11
N GLY B 97 -8.62 5.63 -1.29
CA GLY B 97 -10.03 5.77 -0.98
C GLY B 97 -10.36 5.71 0.51
N ALA B 98 -9.37 5.89 1.37
CA ALA B 98 -9.63 5.77 2.80
C ALA B 98 -10.66 6.80 3.26
N ASP B 99 -11.54 6.37 4.18
CA ASP B 99 -12.42 7.28 4.89
C ASP B 99 -11.74 7.87 6.12
N GLU B 100 -10.83 7.10 6.73
CA GLU B 100 -10.15 7.47 7.95
C GLU B 100 -8.72 6.94 7.88
N VAL B 101 -7.78 7.71 8.41
CA VAL B 101 -6.37 7.32 8.47
C VAL B 101 -5.96 7.33 9.93
N ASP B 102 -5.46 6.19 10.44
CA ASP B 102 -4.91 6.11 11.79
C ASP B 102 -3.39 6.19 11.67
N VAL B 103 -2.80 7.35 12.00
CA VAL B 103 -1.36 7.56 11.85
C VAL B 103 -0.66 7.32 13.18
N VAL B 104 0.56 6.80 13.15
CA VAL B 104 1.31 6.56 14.38
C VAL B 104 2.13 7.81 14.73
N PHE B 105 1.86 8.34 15.91
CA PHE B 105 2.60 9.47 16.47
C PHE B 105 4.09 9.12 16.58
N PRO B 106 5.00 10.08 16.38
CA PRO B 106 6.43 9.77 16.58
C PRO B 106 6.80 9.72 18.07
N TYR B 107 6.41 8.62 18.71
CA TYR B 107 6.51 8.53 20.16
C TYR B 107 7.94 8.36 20.66
N ARG B 108 8.81 7.69 19.89
CA ARG B 108 10.20 7.60 20.31
C ARG B 108 10.87 8.98 20.23
N ALA B 109 10.53 9.78 19.23
CA ALA B 109 11.09 11.13 19.18
C ALA B 109 10.65 11.94 20.38
N LEU B 110 9.38 11.83 20.78
CA LEU B 110 8.93 12.51 21.98
C LEU B 110 9.70 12.02 23.21
N MET B 111 9.87 10.70 23.34
CA MET B 111 10.59 10.18 24.50
C MET B 111 12.01 10.72 24.56
N ALA B 112 12.62 10.94 23.40
CA ALA B 112 13.98 11.48 23.31
C ALA B 112 14.03 12.99 23.43
N GLY B 113 12.89 13.66 23.57
CA GLY B 113 12.89 15.08 23.87
C GLY B 113 12.35 15.97 22.78
N ASN B 114 11.83 15.43 21.69
CA ASN B 114 11.36 16.22 20.56
C ASN B 114 9.83 16.27 20.62
N GLU B 115 9.31 17.34 21.22
CA GLU B 115 7.87 17.57 21.22
C GLU B 115 7.38 18.19 19.92
N GLN B 116 8.27 18.82 19.14
CA GLN B 116 7.81 19.57 17.98
C GLN B 116 7.49 18.66 16.79
N VAL B 117 8.28 17.60 16.58
CA VAL B 117 8.06 16.77 15.41
C VAL B 117 6.70 16.08 15.48
N GLY B 118 6.28 15.72 16.69
CA GLY B 118 4.96 15.12 16.85
C GLY B 118 3.85 16.07 16.47
N PHE B 119 3.99 17.34 16.87
CA PHE B 119 3.06 18.36 16.42
C PHE B 119 3.07 18.47 14.89
N ASP B 120 4.26 18.67 14.30
CA ASP B 120 4.36 18.92 12.86
C ASP B 120 3.87 17.72 12.06
N LEU B 121 4.18 16.50 12.53
CA LEU B 121 3.78 15.31 11.79
C LEU B 121 2.26 15.18 11.76
N VAL B 122 1.61 15.25 12.93
CA VAL B 122 0.16 15.13 12.98
C VAL B 122 -0.51 16.24 12.16
N LYS B 123 -0.01 17.46 12.31
CA LYS B 123 -0.62 18.59 11.60
C LYS B 123 -0.52 18.44 10.09
N ALA B 124 0.65 18.00 9.59
CA ALA B 124 0.78 17.77 8.15
C ALA B 124 -0.19 16.71 7.68
N CYS B 125 -0.33 15.63 8.45
CA CYS B 125 -1.23 14.54 8.08
C CYS B 125 -2.68 14.97 8.20
N LYS B 126 -3.03 15.69 9.27
CA LYS B 126 -4.37 16.22 9.40
C LYS B 126 -4.73 17.14 8.23
N GLU B 127 -3.78 17.98 7.80
CA GLU B 127 -4.05 18.87 6.68
C GLU B 127 -4.45 18.10 5.43
N ALA B 128 -3.73 17.03 5.09
CA ALA B 128 -4.09 16.27 3.91
C ALA B 128 -5.45 15.59 4.09
N CYS B 129 -5.69 14.99 5.25
CA CYS B 129 -6.93 14.28 5.50
C CYS B 129 -8.12 15.24 5.46
N ALA B 130 -8.02 16.36 6.19
CA ALA B 130 -9.10 17.34 6.22
C ALA B 130 -9.44 17.84 4.82
N ALA B 131 -8.42 18.02 3.98
CA ALA B 131 -8.64 18.48 2.62
C ALA B 131 -9.36 17.45 1.77
N ALA B 132 -9.42 16.19 2.22
CA ALA B 132 -10.15 15.14 1.51
C ALA B 132 -11.36 14.64 2.28
N ASN B 133 -11.79 15.36 3.33
CA ASN B 133 -12.91 14.93 4.17
C ASN B 133 -12.66 13.53 4.75
N VAL B 134 -11.41 13.32 5.18
CA VAL B 134 -10.96 12.09 5.80
C VAL B 134 -10.61 12.42 7.25
N LEU B 135 -11.12 11.62 8.18
CA LEU B 135 -10.77 11.77 9.59
C LEU B 135 -9.39 11.21 9.87
N LEU B 136 -8.68 11.83 10.81
CA LEU B 136 -7.35 11.40 11.21
C LEU B 136 -7.39 10.95 12.66
N LYS B 137 -7.06 9.69 12.91
CA LYS B 137 -6.82 9.21 14.27
C LYS B 137 -5.32 9.18 14.49
N VAL B 138 -4.88 9.46 15.71
CA VAL B 138 -3.45 9.45 16.01
C VAL B 138 -3.16 8.40 17.07
N ILE B 139 -2.33 7.42 16.71
CA ILE B 139 -1.91 6.34 17.60
C ILE B 139 -0.69 6.81 18.37
N ILE B 140 -0.80 6.88 19.69
CA ILE B 140 0.32 7.37 20.47
C ILE B 140 1.18 6.27 21.06
N GLU B 141 0.71 5.00 21.05
CA GLU B 141 1.46 3.83 21.53
C GLU B 141 1.76 3.92 23.03
N THR B 142 0.69 3.88 23.82
CA THR B 142 0.79 4.04 25.27
C THR B 142 1.69 2.98 25.91
N GLY B 143 1.73 1.77 25.34
CA GLY B 143 2.53 0.71 25.92
C GLY B 143 4.02 0.96 25.85
N GLU B 144 4.46 1.74 24.86
CA GLU B 144 5.85 2.14 24.76
C GLU B 144 6.13 3.45 25.50
N LEU B 145 5.21 4.41 25.45
CA LEU B 145 5.37 5.63 26.25
C LEU B 145 5.47 5.32 27.73
N LYS B 146 4.59 4.45 28.22
CA LYS B 146 4.60 3.91 29.59
C LYS B 146 4.27 4.94 30.66
N ASP B 147 5.06 6.01 30.76
N ASP B 147 5.05 6.01 30.74
CA ASP B 147 4.86 6.97 31.83
CA ASP B 147 4.89 7.00 31.79
C ASP B 147 3.60 7.79 31.57
C ASP B 147 3.62 7.82 31.56
N GLU B 148 2.83 8.02 32.64
CA GLU B 148 1.59 8.77 32.51
C GLU B 148 1.81 10.16 31.94
N ALA B 149 2.91 10.81 32.29
CA ALA B 149 3.15 12.17 31.81
C ALA B 149 3.44 12.19 30.31
N LEU B 150 4.10 11.15 29.79
CA LEU B 150 4.35 11.07 28.35
C LEU B 150 3.05 10.75 27.61
N ILE B 151 2.22 9.87 28.18
CA ILE B 151 0.93 9.60 27.58
C ILE B 151 0.08 10.87 27.51
N ARG B 152 0.05 11.65 28.59
CA ARG B 152 -0.68 12.90 28.56
C ARG B 152 -0.09 13.86 27.54
N LYS B 153 1.25 13.93 27.47
CA LYS B 153 1.88 14.89 26.57
C LYS B 153 1.63 14.53 25.12
N ALA B 154 1.76 13.24 24.77
CA ALA B 154 1.49 12.83 23.38
C ALA B 154 0.04 13.08 22.98
N SER B 155 -0.90 12.83 23.91
CA SER B 155 -2.32 13.10 23.62
C SER B 155 -2.57 14.60 23.45
N GLU B 156 -1.92 15.41 24.28
N GLU B 156 -1.94 15.41 24.30
CA GLU B 156 -2.08 16.86 24.18
CA GLU B 156 -2.05 16.86 24.20
C GLU B 156 -1.51 17.38 22.87
C GLU B 156 -1.52 17.37 22.87
N ILE B 157 -0.29 16.96 22.52
CA ILE B 157 0.31 17.40 21.26
C ILE B 157 -0.55 16.97 20.08
N SER B 158 -1.04 15.73 20.10
CA SER B 158 -1.89 15.24 19.02
C SER B 158 -3.17 16.06 18.90
N ILE B 159 -3.83 16.34 20.02
CA ILE B 159 -5.04 17.15 19.99
C ILE B 159 -4.73 18.55 19.45
N LYS B 160 -3.65 19.15 19.94
CA LYS B 160 -3.32 20.52 19.51
C LYS B 160 -3.02 20.56 18.02
N ALA B 161 -2.41 19.50 17.49
CA ALA B 161 -2.09 19.44 16.07
C ALA B 161 -3.29 19.06 15.20
N GLY B 162 -4.43 18.74 15.78
CA GLY B 162 -5.65 18.52 15.02
C GLY B 162 -6.13 17.08 14.89
N ALA B 163 -5.67 16.17 15.74
CA ALA B 163 -6.21 14.81 15.73
C ALA B 163 -7.72 14.82 15.89
N ASP B 164 -8.42 14.02 15.08
CA ASP B 164 -9.85 13.81 15.23
C ASP B 164 -10.18 12.71 16.23
N PHE B 165 -9.25 11.79 16.44
CA PHE B 165 -9.31 10.76 17.47
C PHE B 165 -7.91 10.61 18.03
N ILE B 166 -7.81 10.19 19.28
CA ILE B 166 -6.56 9.64 19.78
C ILE B 166 -6.77 8.18 20.12
N LYS B 167 -5.79 7.36 19.74
CA LYS B 167 -5.86 5.90 19.79
C LYS B 167 -4.70 5.39 20.67
N THR B 168 -4.97 4.37 21.48
CA THR B 168 -3.93 3.95 22.44
C THR B 168 -2.71 3.35 21.73
N SER B 169 -2.92 2.44 20.78
CA SER B 169 -1.90 1.45 20.47
C SER B 169 -2.01 0.98 19.02
N THR B 170 -0.89 0.45 18.51
CA THR B 170 -0.88 -0.19 17.19
C THR B 170 -1.38 -1.62 17.24
N GLY B 171 -1.31 -2.28 18.40
CA GLY B 171 -1.49 -3.71 18.48
C GLY B 171 -0.26 -4.50 18.12
N LYS B 172 0.83 -3.81 17.76
CA LYS B 172 2.03 -4.46 17.27
C LYS B 172 3.17 -4.43 18.27
N VAL B 173 2.96 -3.86 19.46
CA VAL B 173 3.93 -3.94 20.54
C VAL B 173 3.32 -4.81 21.63
N ALA B 174 4.07 -5.07 22.70
CA ALA B 174 3.63 -6.08 23.66
C ALA B 174 2.43 -5.58 24.45
N VAL B 175 2.51 -4.36 24.97
CA VAL B 175 1.48 -3.79 25.82
C VAL B 175 0.66 -2.79 25.01
N ASN B 176 -0.65 -2.94 25.04
CA ASN B 176 -1.51 -2.06 24.26
C ASN B 176 -2.55 -1.44 25.18
N ALA B 177 -3.83 -1.42 24.76
CA ALA B 177 -4.84 -0.72 25.56
C ALA B 177 -4.88 -1.28 26.98
N THR B 178 -4.89 -0.40 27.96
CA THR B 178 -5.25 -0.77 29.33
C THR B 178 -6.30 0.21 29.83
N PRO B 179 -7.13 -0.22 30.78
CA PRO B 179 -8.08 0.74 31.38
C PRO B 179 -7.40 1.98 31.93
N GLU B 180 -6.18 1.85 32.47
CA GLU B 180 -5.49 3.02 32.99
C GLU B 180 -5.06 3.97 31.87
N SER B 181 -4.46 3.43 30.81
CA SER B 181 -4.07 4.29 29.71
CA SER B 181 -4.06 4.28 29.69
C SER B 181 -5.27 4.93 29.04
N ALA B 182 -6.36 4.17 28.89
CA ALA B 182 -7.59 4.74 28.35
C ALA B 182 -8.10 5.90 29.21
N ARG B 183 -8.06 5.73 30.54
CA ARG B 183 -8.51 6.81 31.42
C ARG B 183 -7.63 8.05 31.28
N ILE B 184 -6.31 7.85 31.24
CA ILE B 184 -5.39 8.99 31.11
C ILE B 184 -5.71 9.78 29.85
N MET B 185 -5.90 9.07 28.73
CA MET B 185 -6.14 9.74 27.45
C MET B 185 -7.50 10.42 27.42
N MET B 186 -8.55 9.76 27.93
N MET B 186 -8.55 9.77 27.92
CA MET B 186 -9.86 10.39 27.95
CA MET B 186 -9.85 10.43 27.92
C MET B 186 -9.89 11.57 28.91
C MET B 186 -9.89 11.59 28.92
N GLU B 187 -9.09 11.52 29.98
CA GLU B 187 -8.98 12.66 30.88
C GLU B 187 -8.32 13.85 30.19
N VAL B 188 -7.35 13.59 29.30
CA VAL B 188 -6.79 14.69 28.51
C VAL B 188 -7.88 15.33 27.65
N ILE B 189 -8.67 14.49 26.98
CA ILE B 189 -9.80 15.00 26.20
C ILE B 189 -10.69 15.87 27.09
N ARG B 190 -11.03 15.37 28.29
CA ARG B 190 -11.90 16.12 29.19
C ARG B 190 -11.23 17.41 29.66
N ASP B 191 -9.98 17.29 30.13
CA ASP B 191 -9.29 18.45 30.69
C ASP B 191 -9.08 19.55 29.67
N MET B 192 -8.80 19.18 28.42
CA MET B 192 -8.66 20.16 27.35
C MET B 192 -10.00 20.67 26.85
N GLY B 193 -11.10 20.02 27.22
CA GLY B 193 -12.42 20.44 26.81
C GLY B 193 -12.76 20.16 25.36
N VAL B 194 -12.12 19.16 24.75
CA VAL B 194 -12.23 18.94 23.32
C VAL B 194 -13.12 17.73 22.98
N GLU B 195 -13.96 17.28 23.92
CA GLU B 195 -14.67 16.03 23.68
C GLU B 195 -15.67 16.11 22.53
N LYS B 196 -16.08 17.31 22.11
CA LYS B 196 -16.94 17.40 20.94
C LYS B 196 -16.20 17.13 19.64
N THR B 197 -14.88 17.36 19.60
CA THR B 197 -14.11 17.26 18.37
C THR B 197 -13.06 16.17 18.36
N VAL B 198 -12.83 15.48 19.48
CA VAL B 198 -11.80 14.45 19.55
C VAL B 198 -12.45 13.18 20.11
N GLY B 199 -12.41 12.11 19.33
CA GLY B 199 -12.87 10.82 19.81
C GLY B 199 -11.75 10.01 20.45
N PHE B 200 -12.13 8.90 21.06
CA PHE B 200 -11.18 8.00 21.70
C PHE B 200 -11.31 6.59 21.12
N LYS B 201 -10.18 5.93 20.93
CA LYS B 201 -10.16 4.56 20.40
C LYS B 201 -9.18 3.71 21.19
N PRO B 202 -9.67 2.87 22.10
CA PRO B 202 -8.80 1.83 22.66
C PRO B 202 -8.53 0.77 21.59
N ALA B 203 -7.29 0.29 21.55
CA ALA B 203 -6.93 -0.66 20.51
C ALA B 203 -5.83 -1.57 21.00
N GLY B 204 -5.88 -2.83 20.56
CA GLY B 204 -4.85 -3.79 20.90
C GLY B 204 -5.18 -4.67 22.09
N GLY B 205 -5.36 -5.96 21.82
CA GLY B 205 -5.64 -6.92 22.87
C GLY B 205 -6.99 -6.83 23.53
N VAL B 206 -7.94 -6.08 22.96
CA VAL B 206 -9.28 -5.99 23.53
C VAL B 206 -10.08 -7.15 22.93
N ARG B 207 -10.33 -8.18 23.74
CA ARG B 207 -10.80 -9.46 23.23
C ARG B 207 -12.15 -9.91 23.76
N THR B 208 -12.62 -9.38 24.89
CA THR B 208 -13.80 -9.91 25.55
C THR B 208 -14.86 -8.85 25.71
N ALA B 209 -16.12 -9.32 25.74
CA ALA B 209 -17.23 -8.41 25.97
C ALA B 209 -17.07 -7.68 27.31
N GLU B 210 -16.54 -8.36 28.32
CA GLU B 210 -16.37 -7.75 29.62
C GLU B 210 -15.39 -6.58 29.57
N ASP B 211 -14.29 -6.76 28.85
CA ASP B 211 -13.32 -5.68 28.70
C ASP B 211 -13.92 -4.52 27.93
N ALA B 212 -14.70 -4.80 26.89
CA ALA B 212 -15.37 -3.74 26.15
C ALA B 212 -16.27 -2.92 27.05
N GLN B 213 -17.00 -3.61 27.94
CA GLN B 213 -17.89 -2.91 28.86
C GLN B 213 -17.12 -1.97 29.76
N LYS B 214 -15.94 -2.39 30.23
CA LYS B 214 -15.14 -1.54 31.11
C LYS B 214 -14.71 -0.27 30.39
N TYR B 215 -14.24 -0.41 29.15
CA TYR B 215 -13.75 0.76 28.43
C TYR B 215 -14.88 1.73 28.14
N LEU B 216 -16.06 1.22 27.79
CA LEU B 216 -17.18 2.12 27.55
C LEU B 216 -17.64 2.81 28.82
N ALA B 217 -17.50 2.13 29.97
CA ALA B 217 -17.92 2.75 31.23
C ALA B 217 -17.07 3.97 31.57
N ILE B 218 -15.79 3.95 31.24
CA ILE B 218 -14.96 5.13 31.47
C ILE B 218 -15.51 6.31 30.66
N ALA B 219 -15.87 6.07 29.41
CA ALA B 219 -16.43 7.14 28.58
C ALA B 219 -17.73 7.67 29.18
N ASP B 220 -18.61 6.78 29.59
CA ASP B 220 -19.90 7.21 30.16
C ASP B 220 -19.70 8.04 31.42
N GLU B 221 -18.74 7.64 32.25
CA GLU B 221 -18.48 8.39 33.48
C GLU B 221 -17.95 9.78 33.17
N LEU B 222 -16.99 9.87 32.24
CA LEU B 222 -16.33 11.14 31.99
C LEU B 222 -17.19 12.11 31.18
N PHE B 223 -17.97 11.62 30.21
CA PHE B 223 -18.68 12.50 29.30
C PHE B 223 -20.19 12.28 29.23
N GLY B 224 -20.74 11.37 30.02
CA GLY B 224 -22.16 11.06 29.86
C GLY B 224 -22.41 9.89 28.93
N ALA B 225 -23.49 9.17 29.20
CA ALA B 225 -23.79 7.95 28.45
C ALA B 225 -24.05 8.20 26.97
N ASP B 226 -24.43 9.41 26.59
CA ASP B 226 -24.75 9.72 25.19
C ASP B 226 -23.52 10.03 24.34
N TRP B 227 -22.35 10.26 24.94
CA TRP B 227 -21.24 10.85 24.20
C TRP B 227 -20.63 9.87 23.20
N ALA B 228 -20.53 8.59 23.56
CA ALA B 228 -19.72 7.63 22.79
C ALA B 228 -20.53 7.11 21.59
N ASP B 229 -20.49 7.88 20.50
CA ASP B 229 -21.07 7.49 19.22
C ASP B 229 -19.95 7.23 18.22
N ALA B 230 -20.32 6.93 16.98
CA ALA B 230 -19.35 6.59 15.95
C ALA B 230 -18.27 7.65 15.76
N ARG B 231 -18.65 8.92 15.87
CA ARG B 231 -17.70 10.00 15.66
C ARG B 231 -16.74 10.17 16.84
N HIS B 232 -17.09 9.64 18.02
CA HIS B 232 -16.30 9.88 19.22
C HIS B 232 -15.74 8.64 19.90
N TYR B 233 -16.14 7.44 19.51
CA TYR B 233 -15.62 6.24 20.17
C TYR B 233 -15.53 5.11 19.14
N ARG B 234 -14.41 4.38 19.15
CA ARG B 234 -14.28 3.16 18.37
C ARG B 234 -13.42 2.15 19.12
N PHE B 235 -13.72 0.88 18.91
CA PHE B 235 -12.87 -0.21 19.36
C PHE B 235 -12.01 -0.67 18.20
N GLY B 236 -10.68 -0.58 18.35
CA GLY B 236 -9.79 -1.20 17.40
C GLY B 236 -9.57 -2.65 17.79
N ALA B 237 -10.17 -3.58 17.07
CA ALA B 237 -10.22 -4.97 17.53
C ALA B 237 -10.25 -5.93 16.34
N SER B 238 -9.34 -6.92 16.38
CA SER B 238 -9.29 -7.99 15.39
CA SER B 238 -9.32 -7.98 15.38
C SER B 238 -9.92 -9.29 15.87
N SER B 239 -10.21 -9.40 17.17
CA SER B 239 -10.69 -10.65 17.74
CA SER B 239 -10.69 -10.65 17.74
C SER B 239 -11.62 -10.39 18.92
N LEU B 240 -12.47 -9.37 18.80
CA LEU B 240 -13.46 -9.04 19.83
C LEU B 240 -14.89 -9.34 19.40
N LEU B 241 -15.16 -9.32 18.10
CA LEU B 241 -16.54 -9.42 17.61
C LEU B 241 -17.21 -10.73 18.03
N ALA B 242 -16.50 -11.85 17.92
CA ALA B 242 -17.10 -13.14 18.29
C ALA B 242 -17.57 -13.14 19.73
N SER B 243 -16.80 -12.53 20.63
CA SER B 243 -17.18 -12.48 22.04
CA SER B 243 -17.19 -12.49 22.03
C SER B 243 -18.43 -11.63 22.24
N LEU B 244 -18.55 -10.52 21.48
CA LEU B 244 -19.73 -9.67 21.59
C LEU B 244 -20.96 -10.38 21.06
N LEU B 245 -20.84 -11.06 19.92
CA LEU B 245 -21.97 -11.80 19.37
C LEU B 245 -22.37 -12.94 20.29
N LYS B 246 -21.39 -13.58 20.94
CA LYS B 246 -21.72 -14.64 21.89
C LYS B 246 -22.50 -14.08 23.08
N ALA B 247 -22.08 -12.95 23.63
CA ALA B 247 -22.85 -12.34 24.72
C ALA B 247 -24.25 -11.94 24.27
N LEU B 248 -24.45 -11.71 22.98
CA LEU B 248 -25.74 -11.29 22.44
C LEU B 248 -26.63 -12.47 22.05
N GLY B 249 -26.17 -13.70 22.24
CA GLY B 249 -26.96 -14.85 21.86
C GLY B 249 -26.82 -15.26 20.41
N HIS B 250 -25.90 -14.64 19.67
CA HIS B 250 -25.69 -14.95 18.25
C HIS B 250 -24.34 -15.62 18.05
C1 EDO C . 6.89 -6.17 -12.76
C2 EDO C . 6.42 -7.62 -12.57
MG MG D . -16.85 5.59 -22.68
MG MG E . -15.07 -7.12 -13.53
C1 EDO F . -5.19 0.88 14.20
C2 EDO F . -3.84 0.34 14.66
O1 G3H G . -6.69 -1.79 15.84
C1 G3H G . -5.65 -2.29 15.45
C2 G3H G . -4.93 -3.29 16.33
O2 G3H G . -3.90 -3.92 15.61
C3 G3H G . -5.95 -4.33 16.79
O1P G3H G . -5.33 -5.12 17.77
O2P G3H G . -5.47 -7.55 16.91
O3P G3H G . -5.15 -7.19 19.36
O4P G3H G . -7.31 -6.73 18.28
P G3H G . -5.86 -6.68 18.08
#